data_7D5B
#
_entry.id   7D5B
#
_cell.length_a   63.807
_cell.length_b   74.396
_cell.length_c   110.408
_cell.angle_alpha   90.000
_cell.angle_beta   90.000
_cell.angle_gamma   90.000
#
_symmetry.space_group_name_H-M   'P 21 21 21'
#
loop_
_entity.id
_entity.type
_entity.pdbx_description
1 polymer 'Beta-secretase 2'
2 polymer XAPERONE
3 non-polymer N-{3-[(5R)-3-amino-2,5-dimethyl-1,1-dioxido-5,6-dihydro-2H-1,2,4-thiadiazin-5-yl]-4-fluorophenyl}-5-fluoropyridine-2-carboxamide
4 non-polymer 'CHLORIDE ION'
5 non-polymer 1,2-ETHANEDIOL
6 non-polymer 'SODIUM ION'
7 water water
#
loop_
_entity_poly.entity_id
_entity_poly.type
_entity_poly.pdbx_seq_one_letter_code
_entity_poly.pdbx_strand_id
1 'polypeptide(L)'
;ANFLAMVDNLQGDSGRGYYLEMLIGTPPQKLQILVDTGSSNFAVAGTPHSYIDTYFDTERSSTYRSKGFDVTVKYTQGSW
TGFVGEDLVTIPKGFNTSFLVNIATIFESENFFLPGIKWNGILGLAYATLAKPSSSLETFFDSLVTQANIPNVFSMQMCG
AGLPVAGSGTNGGSLVLGGIEPSLYKGDIWYTPIKEEWYYQIEILKLEIGGQSLNLDCREYNADKAIVDSGTTLLRLPQK
VFDAVVEAVARASLIPEFSDGFWTGSQLACWTNSETPWSYFPKISIYLRDENSSRSFRITILPQLYIQPMMGAGLNYECY
RFGISPSTNALVIGATVMEGFYVIFDRAQKRVGFAASPCAEIAGAAVSEISGPFSTEDVASNCVPA
;
A
2 'polypeptide(L)'
;QVQLQESGGGLVQPGGSLRLSCAASGFTFSSAIMTWVRQAPGKGREWVSTIGSDGSITTYADSVKGRFTISRDNARNTLY
LQMNSLKPEDTAVYYCTSAGRRGPGTQVTVSS
;
D
#
loop_
_chem_comp.id
_chem_comp.type
_chem_comp.name
_chem_comp.formula
66F non-polymer N-{3-[(5R)-3-amino-2,5-dimethyl-1,1-dioxido-5,6-dihydro-2H-1,2,4-thiadiazin-5-yl]-4-fluorophenyl}-5-fluoropyridine-2-carboxamide 'C17 H17 F2 N5 O3 S'
CL non-polymer 'CHLORIDE ION' 'Cl -1'
EDO non-polymer 1,2-ETHANEDIOL 'C2 H6 O2'
NA non-polymer 'SODIUM ION' 'Na 1'
#
# COMPACT_ATOMS: atom_id res chain seq x y z
N ALA A 1 1.12 14.57 -10.16
CA ALA A 1 1.78 13.22 -10.37
C ALA A 1 1.81 12.82 -11.84
N ASN A 2 2.89 12.11 -12.21
CA ASN A 2 3.11 11.63 -13.60
C ASN A 2 3.22 10.11 -13.54
N PHE A 3 2.14 9.42 -13.96
CA PHE A 3 2.08 7.95 -13.90
C PHE A 3 3.05 7.26 -14.86
N LEU A 4 3.24 7.80 -16.07
CA LEU A 4 4.26 7.25 -16.98
C LEU A 4 5.68 7.24 -16.38
N ALA A 5 6.04 8.30 -15.66
CA ALA A 5 7.32 8.37 -14.93
C ALA A 5 7.47 7.34 -13.79
N MET A 6 6.36 6.75 -13.34
CA MET A 6 6.38 5.69 -12.35
C MET A 6 6.62 4.31 -12.92
N VAL A 7 6.50 4.14 -14.24
CA VAL A 7 6.78 2.84 -14.86
C VAL A 7 8.25 2.48 -14.60
N ASP A 8 8.46 1.24 -14.13
CA ASP A 8 9.78 0.70 -13.77
C ASP A 8 10.44 1.39 -12.59
N ASN A 9 9.63 1.94 -11.69
CA ASN A 9 10.18 2.59 -10.47
C ASN A 9 10.54 1.64 -9.32
N LEU A 10 10.29 0.33 -9.49
CA LEU A 10 10.70 -0.66 -8.53
C LEU A 10 11.86 -1.48 -9.04
N GLN A 11 12.74 -1.80 -8.12
CA GLN A 11 13.77 -2.81 -8.36
C GLN A 11 13.47 -4.01 -7.50
N GLY A 12 14.09 -5.14 -7.81
CA GLY A 12 14.05 -6.34 -7.00
C GLY A 12 13.22 -7.47 -7.61
N ASP A 13 12.77 -8.36 -6.75
CA ASP A 13 12.27 -9.66 -7.17
C ASP A 13 11.52 -10.28 -6.02
N SER A 14 10.92 -11.45 -6.24
CA SER A 14 10.16 -12.08 -5.15
C SER A 14 11.04 -12.72 -4.09
N GLY A 15 12.32 -12.94 -4.37
CA GLY A 15 13.23 -13.54 -3.43
C GLY A 15 13.47 -12.63 -2.25
N ARG A 16 13.86 -11.38 -2.55
CA ARG A 16 14.22 -10.40 -1.52
C ARG A 16 13.41 -9.07 -1.52
N GLY A 17 12.38 -8.95 -2.36
CA GLY A 17 11.40 -7.87 -2.28
C GLY A 17 11.50 -6.88 -3.40
N TYR A 18 10.40 -6.16 -3.60
CA TYR A 18 10.31 -5.08 -4.54
C TYR A 18 10.42 -3.78 -3.81
N TYR A 19 11.33 -2.91 -4.25
CA TYR A 19 11.64 -1.70 -3.46
C TYR A 19 11.69 -0.46 -4.33
N LEU A 20 11.35 0.66 -3.70
CA LEU A 20 11.17 1.98 -4.28
C LEU A 20 12.25 2.91 -3.72
N GLU A 21 12.85 3.73 -4.58
N GLU A 21 12.85 3.73 -4.58
CA GLU A 21 13.81 4.74 -4.13
CA GLU A 21 13.81 4.75 -4.16
C GLU A 21 13.05 5.92 -3.55
C GLU A 21 13.06 5.93 -3.57
N MET A 22 13.40 6.30 -2.33
CA MET A 22 12.79 7.44 -1.65
C MET A 22 13.89 8.33 -1.12
N LEU A 23 13.63 9.63 -1.18
CA LEU A 23 14.60 10.65 -0.67
C LEU A 23 13.98 11.26 0.54
N ILE A 24 14.74 11.30 1.63
N ILE A 24 14.71 11.29 1.65
CA ILE A 24 14.22 11.69 2.96
CA ILE A 24 14.17 11.73 2.96
C ILE A 24 15.08 12.80 3.55
C ILE A 24 15.06 12.80 3.55
N GLY A 25 14.43 13.87 4.02
CA GLY A 25 15.09 14.92 4.77
C GLY A 25 15.78 15.96 3.94
N THR A 26 16.49 16.85 4.65
CA THR A 26 17.08 18.07 4.05
C THR A 26 18.53 18.23 4.53
N PRO A 27 19.54 18.11 3.63
CA PRO A 27 19.42 17.63 2.27
C PRO A 27 18.99 16.16 2.19
N PRO A 28 18.50 15.74 1.02
CA PRO A 28 17.93 14.40 0.93
C PRO A 28 18.93 13.27 1.13
N GLN A 29 18.50 12.22 1.81
CA GLN A 29 19.21 10.97 1.93
C GLN A 29 18.39 9.95 1.15
N LYS A 30 19.06 9.16 0.31
CA LYS A 30 18.39 8.19 -0.55
C LYS A 30 18.30 6.86 0.16
N LEU A 31 17.07 6.32 0.28
CA LEU A 31 16.86 4.99 0.79
C LEU A 31 16.12 4.14 -0.21
N GLN A 32 16.19 2.82 0.03
N GLN A 32 16.19 2.83 0.00
CA GLN A 32 15.58 1.79 -0.79
CA GLN A 32 15.56 1.83 -0.85
C GLN A 32 14.54 1.13 0.08
C GLN A 32 14.56 1.13 0.05
N ILE A 33 13.29 1.25 -0.31
CA ILE A 33 12.18 0.96 0.57
C ILE A 33 11.28 -0.13 0.02
N LEU A 34 11.15 -1.22 0.79
CA LEU A 34 10.24 -2.32 0.43
C LEU A 34 8.79 -1.85 0.35
N VAL A 35 8.12 -2.23 -0.71
CA VAL A 35 6.73 -1.87 -0.93
C VAL A 35 5.89 -2.97 -0.31
N ASP A 36 5.13 -2.61 0.71
CA ASP A 36 4.45 -3.56 1.57
C ASP A 36 2.96 -3.27 1.75
N THR A 37 2.11 -3.96 1.00
CA THR A 37 0.65 -3.78 1.16
C THR A 37 0.10 -4.53 2.37
N GLY A 38 0.95 -5.21 3.15
CA GLY A 38 0.55 -5.88 4.40
C GLY A 38 0.87 -5.22 5.71
N SER A 39 1.23 -3.95 5.67
CA SER A 39 1.46 -3.19 6.91
C SER A 39 1.20 -1.71 6.59
N SER A 40 1.28 -0.86 7.61
CA SER A 40 0.84 0.53 7.49
C SER A 40 1.78 1.56 8.09
N ASN A 41 3.02 1.18 8.40
CA ASN A 41 4.03 2.12 8.89
C ASN A 41 5.11 2.35 7.84
N PHE A 42 5.60 3.57 7.80
CA PHE A 42 6.80 3.92 7.04
C PHE A 42 7.95 3.86 8.04
N ALA A 43 8.86 2.90 7.85
CA ALA A 43 9.90 2.64 8.87
C ALA A 43 11.20 2.36 8.16
N VAL A 44 12.27 3.00 8.61
CA VAL A 44 13.56 2.91 7.94
C VAL A 44 14.65 2.65 8.99
N ALA A 45 15.73 2.01 8.55
CA ALA A 45 16.91 1.91 9.42
C ALA A 45 17.39 3.30 9.84
N GLY A 46 17.64 3.48 11.14
CA GLY A 46 18.20 4.69 11.69
C GLY A 46 19.58 4.56 12.31
N THR A 47 20.15 3.37 12.23
CA THR A 47 21.49 3.02 12.78
C THR A 47 22.13 2.02 11.81
N PRO A 48 23.47 1.84 11.88
CA PRO A 48 24.09 0.76 11.06
C PRO A 48 23.60 -0.63 11.44
N HIS A 49 23.46 -1.50 10.43
CA HIS A 49 23.12 -2.92 10.62
C HIS A 49 23.89 -3.79 9.61
N SER A 50 24.09 -5.07 9.96
CA SER A 50 24.89 -6.04 9.20
C SER A 50 24.52 -6.14 7.72
N TYR A 51 23.24 -6.39 7.46
CA TYR A 51 22.69 -6.57 6.11
C TYR A 51 22.15 -5.30 5.41
N ILE A 52 22.64 -4.10 5.81
CA ILE A 52 22.35 -2.85 5.07
C ILE A 52 23.61 -1.99 4.84
N ASP A 53 23.61 -1.24 3.74
CA ASP A 53 24.72 -0.34 3.37
C ASP A 53 24.54 1.03 4.05
N THR A 54 23.33 1.57 3.94
CA THR A 54 22.99 2.92 4.42
C THR A 54 21.78 2.90 5.37
N TYR A 55 21.61 4.01 6.09
CA TYR A 55 20.49 4.23 7.00
C TYR A 55 20.17 5.70 6.97
N PHE A 56 19.00 6.04 7.51
CA PHE A 56 18.60 7.44 7.61
C PHE A 56 19.16 8.02 8.89
N ASP A 57 20.07 8.98 8.74
CA ASP A 57 20.63 9.70 9.89
C ASP A 57 19.83 10.98 10.14
N THR A 58 18.99 10.92 11.18
CA THR A 58 18.09 12.04 11.48
C THR A 58 18.88 13.30 11.83
N GLU A 59 20.09 13.13 12.40
CA GLU A 59 20.94 14.30 12.72
C GLU A 59 21.47 15.10 11.53
N ARG A 60 21.45 14.52 10.34
CA ARG A 60 21.87 15.18 9.12
C ARG A 60 20.72 15.86 8.41
N SER A 61 19.47 15.73 8.93
CA SER A 61 18.32 16.41 8.31
C SER A 61 17.92 17.64 9.11
N SER A 62 17.94 18.78 8.47
CA SER A 62 17.56 20.04 9.15
C SER A 62 16.04 20.16 9.36
N THR A 63 15.25 19.42 8.58
CA THR A 63 13.82 19.45 8.66
C THR A 63 13.22 18.35 9.54
N TYR A 64 13.98 17.34 9.96
CA TYR A 64 13.49 16.27 10.82
C TYR A 64 12.98 16.82 12.13
N ARG A 65 11.85 16.33 12.61
CA ARG A 65 11.36 16.62 13.95
C ARG A 65 10.97 15.37 14.65
N SER A 66 11.39 15.22 15.88
CA SER A 66 11.08 14.08 16.71
C SER A 66 9.71 14.27 17.32
N LYS A 67 8.90 13.22 17.30
CA LYS A 67 7.64 13.27 18.03
C LYS A 67 7.74 13.07 19.53
N GLY A 68 8.90 12.63 20.03
CA GLY A 68 9.06 12.37 21.47
C GLY A 68 8.55 11.00 21.95
N PHE A 69 8.37 10.05 21.04
CA PHE A 69 8.02 8.71 21.44
C PHE A 69 8.54 7.68 20.46
N ASP A 70 8.61 6.43 20.96
CA ASP A 70 9.04 5.25 20.20
C ASP A 70 7.86 4.39 19.84
N VAL A 71 8.13 3.44 18.94
CA VAL A 71 7.17 2.41 18.63
C VAL A 71 7.92 1.08 18.49
N THR A 72 7.34 0.01 19.03
CA THR A 72 7.80 -1.35 18.86
C THR A 72 6.73 -2.07 18.02
N VAL A 73 7.14 -2.67 16.93
CA VAL A 73 6.27 -3.53 16.10
C VAL A 73 6.77 -4.97 16.18
N LYS A 74 5.84 -5.91 16.38
CA LYS A 74 6.17 -7.35 16.48
C LYS A 74 5.43 -8.11 15.37
N TYR A 75 6.17 -9.00 14.70
CA TYR A 75 5.63 -9.92 13.70
C TYR A 75 5.82 -11.34 14.19
N THR A 76 5.29 -12.29 13.41
CA THR A 76 5.69 -13.69 13.50
C THR A 76 7.10 -13.73 12.94
N GLN A 77 8.04 -14.24 13.74
CA GLN A 77 9.45 -14.36 13.34
C GLN A 77 10.11 -13.01 13.00
N GLY A 78 9.89 -12.01 13.87
CA GLY A 78 10.61 -10.73 13.80
C GLY A 78 10.02 -9.53 14.52
N SER A 79 10.85 -8.50 14.72
CA SER A 79 10.39 -7.25 15.35
C SER A 79 11.38 -6.11 15.16
N TRP A 80 10.93 -4.90 15.48
CA TRP A 80 11.80 -3.72 15.61
C TRP A 80 11.23 -2.64 16.51
N THR A 81 12.11 -1.79 17.00
CA THR A 81 11.74 -0.61 17.79
C THR A 81 12.41 0.58 17.12
N GLY A 82 11.61 1.64 16.96
CA GLY A 82 12.12 2.89 16.41
C GLY A 82 11.59 4.14 17.05
N PHE A 83 12.29 5.24 16.79
CA PHE A 83 11.85 6.58 17.17
C PHE A 83 10.82 7.01 16.12
N VAL A 84 9.80 7.73 16.52
CA VAL A 84 8.83 8.26 15.58
C VAL A 84 9.08 9.76 15.41
N GLY A 85 9.12 10.19 14.15
CA GLY A 85 9.37 11.57 13.78
C GLY A 85 8.59 11.94 12.54
N GLU A 86 8.90 13.11 12.03
CA GLU A 86 8.29 13.70 10.84
C GLU A 86 9.40 14.27 9.99
N ASP A 87 9.33 14.09 8.70
CA ASP A 87 10.25 14.75 7.78
C ASP A 87 9.67 14.78 6.38
N LEU A 88 10.33 15.56 5.53
CA LEU A 88 9.99 15.74 4.13
C LEU A 88 10.54 14.60 3.30
N VAL A 89 9.71 14.07 2.41
N VAL A 89 9.70 14.03 2.44
CA VAL A 89 10.07 12.97 1.51
CA VAL A 89 10.10 12.98 1.51
C VAL A 89 9.75 13.33 0.08
C VAL A 89 9.76 13.33 0.08
N THR A 90 10.63 12.94 -0.86
CA THR A 90 10.32 13.00 -2.33
C THR A 90 10.42 11.58 -2.88
N ILE A 91 9.58 11.30 -3.89
CA ILE A 91 9.67 10.07 -4.67
C ILE A 91 10.05 10.52 -6.07
N PRO A 92 11.34 10.39 -6.42
CA PRO A 92 11.76 11.01 -7.70
C PRO A 92 11.11 10.44 -8.98
N LYS A 93 10.87 9.13 -9.00
CA LYS A 93 10.20 8.46 -10.12
C LYS A 93 8.70 8.51 -9.89
N GLY A 94 8.13 9.68 -10.16
CA GLY A 94 6.66 9.95 -10.13
C GLY A 94 6.19 11.34 -9.74
N PHE A 95 6.96 12.00 -8.88
CA PHE A 95 6.60 13.29 -8.30
C PHE A 95 7.77 14.25 -8.43
N ASN A 96 7.44 15.53 -8.38
CA ASN A 96 8.36 16.65 -8.54
C ASN A 96 8.50 17.51 -7.26
N THR A 97 7.84 17.11 -6.16
CA THR A 97 7.74 17.94 -4.95
C THR A 97 7.86 17.05 -3.72
N SER A 98 8.11 17.66 -2.57
N SER A 98 8.10 17.69 -2.57
CA SER A 98 8.27 16.93 -1.31
CA SER A 98 8.25 17.01 -1.28
C SER A 98 7.00 17.05 -0.47
C SER A 98 6.94 16.99 -0.54
N PHE A 99 6.82 16.06 0.40
CA PHE A 99 5.61 15.88 1.24
C PHE A 99 6.04 15.62 2.66
N LEU A 100 5.25 16.08 3.64
CA LEU A 100 5.55 15.90 5.04
C LEU A 100 4.89 14.66 5.54
N VAL A 101 5.67 13.72 6.04
CA VAL A 101 5.16 12.42 6.46
C VAL A 101 5.74 11.99 7.81
N ASN A 102 5.05 11.10 8.48
CA ASN A 102 5.59 10.37 9.63
C ASN A 102 6.61 9.34 9.21
N ILE A 103 7.63 9.15 10.05
CA ILE A 103 8.71 8.19 9.78
C ILE A 103 9.14 7.58 11.10
N ALA A 104 9.29 6.27 11.12
CA ALA A 104 9.89 5.57 12.26
C ALA A 104 11.31 5.25 11.86
N THR A 105 12.26 5.57 12.72
CA THR A 105 13.67 5.22 12.50
C THR A 105 14.09 4.14 13.48
N ILE A 106 14.42 2.99 12.89
CA ILE A 106 14.68 1.76 13.62
C ILE A 106 16.05 1.80 14.28
N PHE A 107 16.07 1.61 15.59
CA PHE A 107 17.36 1.49 16.32
C PHE A 107 17.66 0.09 16.86
N GLU A 108 16.65 -0.76 16.97
CA GLU A 108 16.89 -2.18 17.23
C GLU A 108 15.87 -3.03 16.51
N SER A 109 16.29 -4.24 16.16
CA SER A 109 15.43 -5.16 15.39
C SER A 109 15.87 -6.62 15.57
N GLU A 110 14.92 -7.53 15.31
CA GLU A 110 15.13 -9.00 15.30
C GLU A 110 14.51 -9.56 14.03
N ASN A 111 15.28 -10.31 13.22
CA ASN A 111 14.78 -10.98 11.98
C ASN A 111 14.12 -10.07 10.91
N PHE A 112 14.50 -8.80 10.91
CA PHE A 112 13.85 -7.78 10.09
C PHE A 112 14.69 -7.56 8.84
N PHE A 113 15.93 -7.13 9.05
CA PHE A 113 16.89 -6.93 7.98
C PHE A 113 17.50 -8.30 7.67
N LEU A 114 16.83 -9.02 6.77
CA LEU A 114 17.14 -10.43 6.46
C LEU A 114 18.45 -10.55 5.66
N PRO A 115 19.02 -11.76 5.56
CA PRO A 115 20.15 -11.97 4.64
C PRO A 115 19.73 -11.82 3.17
N GLY A 116 20.52 -11.07 2.40
CA GLY A 116 20.29 -10.86 0.96
C GLY A 116 19.50 -9.65 0.50
N ILE A 117 18.97 -8.84 1.43
CA ILE A 117 18.12 -7.69 1.06
C ILE A 117 18.92 -6.48 0.55
N LYS A 118 18.33 -5.77 -0.42
CA LYS A 118 18.85 -4.52 -0.94
C LYS A 118 18.10 -3.31 -0.36
N TRP A 119 17.08 -3.55 0.47
CA TRP A 119 16.28 -2.45 1.07
C TRP A 119 16.70 -2.19 2.50
N ASN A 120 16.42 -0.98 2.95
CA ASN A 120 16.74 -0.56 4.33
C ASN A 120 15.58 0.13 5.03
N GLY A 121 14.38 -0.01 4.47
CA GLY A 121 13.16 0.28 5.20
C GLY A 121 11.98 -0.29 4.47
N ILE A 122 10.81 0.00 5.02
N ILE A 122 10.81 -0.04 5.05
CA ILE A 122 9.55 -0.54 4.52
CA ILE A 122 9.54 -0.57 4.54
C ILE A 122 8.51 0.55 4.42
C ILE A 122 8.50 0.54 4.42
N LEU A 123 7.70 0.47 3.37
CA LEU A 123 6.61 1.38 3.09
C LEU A 123 5.32 0.60 3.22
N GLY A 124 4.64 0.77 4.35
CA GLY A 124 3.38 0.12 4.61
C GLY A 124 2.26 0.86 3.92
N LEU A 125 1.60 0.22 2.96
CA LEU A 125 0.53 0.81 2.16
C LEU A 125 -0.87 0.28 2.47
N ALA A 126 -1.03 -0.43 3.59
CA ALA A 126 -2.35 -0.89 4.03
C ALA A 126 -3.08 0.26 4.76
N TYR A 127 -4.17 -0.03 5.45
CA TYR A 127 -5.01 1.02 6.00
C TYR A 127 -4.55 1.53 7.36
N ALA A 128 -5.00 2.74 7.68
CA ALA A 128 -4.74 3.39 8.98
C ALA A 128 -4.98 2.50 10.21
N THR A 129 -5.98 1.64 10.18
N THR A 129 -6.02 1.64 10.13
CA THR A 129 -6.26 0.85 11.37
CA THR A 129 -6.34 0.64 11.15
C THR A 129 -5.17 -0.17 11.76
C THR A 129 -5.14 -0.07 11.74
N LEU A 130 -4.21 -0.47 10.86
CA LEU A 130 -3.03 -1.29 11.23
C LEU A 130 -1.85 -0.47 11.76
N ALA A 131 -1.88 0.86 11.63
CA ALA A 131 -0.74 1.70 11.98
C ALA A 131 -0.43 1.64 13.47
N LYS A 132 0.85 1.60 13.78
CA LYS A 132 1.31 1.59 15.18
C LYS A 132 2.05 2.88 15.48
N PRO A 133 1.98 3.42 16.72
CA PRO A 133 1.30 2.86 17.86
C PRO A 133 -0.22 2.85 17.80
N SER A 134 -0.82 3.67 16.94
CA SER A 134 -2.26 3.66 16.72
C SER A 134 -2.60 4.25 15.37
N SER A 135 -3.87 4.15 15.02
CA SER A 135 -4.40 4.70 13.78
C SER A 135 -4.39 6.21 13.65
N SER A 136 -4.09 6.94 14.72
N SER A 136 -4.08 6.94 14.71
CA SER A 136 -3.86 8.38 14.64
CA SER A 136 -3.86 8.38 14.62
C SER A 136 -2.54 8.77 13.97
C SER A 136 -2.53 8.77 13.98
N LEU A 137 -1.60 7.81 13.82
CA LEU A 137 -0.34 8.09 13.14
C LEU A 137 -0.54 8.02 11.63
N GLU A 138 -0.71 9.18 11.02
CA GLU A 138 -1.06 9.29 9.62
C GLU A 138 -0.12 8.47 8.75
N THR A 139 -0.71 7.62 7.91
CA THR A 139 0.08 6.72 7.06
C THR A 139 0.66 7.47 5.90
N PHE A 140 1.69 6.89 5.29
CA PHE A 140 2.33 7.53 4.19
C PHE A 140 1.35 7.80 3.05
N PHE A 141 0.55 6.80 2.68
CA PHE A 141 -0.30 7.01 1.53
C PHE A 141 -1.42 8.00 1.84
N ASP A 142 -1.89 8.05 3.08
CA ASP A 142 -2.86 9.09 3.43
C ASP A 142 -2.25 10.49 3.30
N SER A 143 -1.00 10.64 3.73
CA SER A 143 -0.28 11.91 3.56
C SER A 143 -0.13 12.28 2.10
N LEU A 144 0.25 11.32 1.29
CA LEU A 144 0.50 11.55 -0.11
C LEU A 144 -0.79 11.90 -0.87
N VAL A 145 -1.86 11.17 -0.60
CA VAL A 145 -3.15 11.43 -1.27
C VAL A 145 -3.55 12.90 -1.09
N THR A 146 -3.50 13.35 0.14
N THR A 146 -3.47 13.34 0.17
CA THR A 146 -3.88 14.73 0.43
CA THR A 146 -3.92 14.69 0.53
C THR A 146 -2.91 15.72 -0.20
C THR A 146 -2.98 15.82 0.20
N GLN A 147 -1.65 15.59 0.15
CA GLN A 147 -0.67 16.63 -0.20
C GLN A 147 -0.33 16.69 -1.68
N ALA A 148 -0.47 15.57 -2.40
CA ALA A 148 -0.13 15.48 -3.81
C ALA A 148 -1.33 15.58 -4.75
N ASN A 149 -2.55 15.68 -4.24
CA ASN A 149 -3.74 15.81 -5.07
C ASN A 149 -3.88 14.64 -6.02
N ILE A 150 -3.69 13.44 -5.50
CA ILE A 150 -3.88 12.22 -6.28
C ILE A 150 -5.15 11.50 -5.77
N PRO A 151 -5.80 10.73 -6.63
CA PRO A 151 -6.83 9.82 -6.18
C PRO A 151 -6.32 8.77 -5.15
N ASN A 152 -7.24 8.28 -4.33
CA ASN A 152 -6.95 7.31 -3.31
C ASN A 152 -6.93 5.90 -3.91
N VAL A 153 -5.92 5.69 -4.72
CA VAL A 153 -5.76 4.46 -5.52
C VAL A 153 -4.26 4.31 -5.76
N PHE A 154 -3.76 3.09 -5.69
CA PHE A 154 -2.42 2.81 -6.23
C PHE A 154 -2.46 1.45 -6.89
N SER A 155 -1.48 1.18 -7.72
CA SER A 155 -1.44 -0.09 -8.43
C SER A 155 -0.02 -0.58 -8.51
N MET A 156 0.12 -1.89 -8.68
N MET A 156 0.15 -1.91 -8.58
CA MET A 156 1.40 -2.57 -8.59
CA MET A 156 1.49 -2.53 -8.50
C MET A 156 1.55 -3.62 -9.65
C MET A 156 1.62 -3.67 -9.51
N GLN A 157 2.73 -3.63 -10.28
CA GLN A 157 3.10 -4.68 -11.21
C GLN A 157 4.48 -5.13 -10.83
N MET A 158 4.63 -6.42 -10.68
CA MET A 158 5.89 -7.07 -10.35
C MET A 158 6.31 -7.86 -11.58
N CYS A 159 7.51 -7.60 -12.09
CA CYS A 159 7.97 -8.20 -13.36
C CYS A 159 9.06 -9.23 -13.21
N GLY A 160 9.25 -9.76 -12.00
CA GLY A 160 10.23 -10.83 -11.74
C GLY A 160 9.89 -12.11 -12.48
N ALA A 161 8.59 -12.33 -12.73
CA ALA A 161 8.09 -13.33 -13.69
C ALA A 161 8.67 -14.66 -13.32
N GLY A 162 8.41 -15.05 -12.08
CA GLY A 162 8.82 -16.35 -11.54
C GLY A 162 10.31 -16.69 -11.49
N LEU A 163 11.19 -15.67 -11.56
CA LEU A 163 12.63 -15.85 -11.34
C LEU A 163 12.99 -15.13 -10.05
N ASN A 171 12.98 -8.53 -13.28
CA ASN A 171 12.96 -7.31 -14.10
C ASN A 171 12.28 -6.12 -13.40
N GLY A 172 12.39 -6.05 -12.07
CA GLY A 172 11.78 -4.98 -11.29
C GLY A 172 10.27 -4.89 -11.42
N GLY A 173 9.73 -3.68 -11.41
CA GLY A 173 8.29 -3.50 -11.42
C GLY A 173 7.91 -2.04 -11.37
N SER A 174 6.62 -1.80 -11.12
CA SER A 174 6.07 -0.43 -11.11
C SER A 174 5.08 -0.31 -9.94
N LEU A 175 5.24 0.78 -9.18
CA LEU A 175 4.26 1.21 -8.20
C LEU A 175 3.70 2.52 -8.70
N VAL A 176 2.45 2.51 -9.13
CA VAL A 176 1.79 3.68 -9.66
C VAL A 176 0.93 4.27 -8.54
N LEU A 177 1.40 5.38 -7.96
CA LEU A 177 0.75 6.02 -6.82
C LEU A 177 -0.23 7.03 -7.36
N GLY A 178 -1.52 6.72 -7.19
CA GLY A 178 -2.59 7.62 -7.60
C GLY A 178 -3.47 7.14 -8.73
N GLY A 179 -3.14 5.99 -9.33
CA GLY A 179 -3.96 5.51 -10.42
C GLY A 179 -3.46 4.26 -11.10
N ILE A 180 -3.85 4.13 -12.38
CA ILE A 180 -3.69 2.96 -13.20
C ILE A 180 -2.98 3.47 -14.46
N GLU A 181 -1.89 2.80 -14.82
CA GLU A 181 -1.12 3.10 -16.03
C GLU A 181 -1.58 2.12 -17.14
N PRO A 182 -2.22 2.64 -18.22
CA PRO A 182 -2.70 1.73 -19.28
C PRO A 182 -1.65 0.84 -19.95
N SER A 183 -0.40 1.30 -20.04
CA SER A 183 0.65 0.51 -20.67
C SER A 183 1.11 -0.73 -19.86
N LEU A 184 0.65 -0.90 -18.61
CA LEU A 184 1.01 -2.06 -17.79
C LEU A 184 0.04 -3.25 -17.84
N TYR A 185 -1.04 -3.14 -18.61
CA TYR A 185 -1.94 -4.27 -18.77
C TYR A 185 -2.58 -4.29 -20.13
N LYS A 186 -3.12 -5.45 -20.45
CA LYS A 186 -3.98 -5.67 -21.59
C LYS A 186 -5.26 -6.31 -21.09
N GLY A 187 -6.33 -6.10 -21.84
CA GLY A 187 -7.61 -6.70 -21.52
C GLY A 187 -8.33 -6.02 -20.38
N ASP A 188 -9.17 -6.80 -19.71
CA ASP A 188 -10.11 -6.27 -18.73
C ASP A 188 -9.46 -6.26 -17.35
N ILE A 189 -9.82 -5.26 -16.56
CA ILE A 189 -9.60 -5.30 -15.10
C ILE A 189 -10.88 -5.87 -14.49
N TRP A 190 -10.71 -6.90 -13.69
CA TRP A 190 -11.75 -7.51 -12.84
C TRP A 190 -11.58 -7.04 -11.39
N TYR A 191 -12.68 -6.63 -10.75
CA TYR A 191 -12.64 -6.09 -9.40
C TYR A 191 -13.35 -6.97 -8.41
N THR A 192 -12.73 -7.20 -7.26
CA THR A 192 -13.31 -7.89 -6.13
C THR A 192 -13.47 -6.92 -4.94
N PRO A 193 -14.58 -6.98 -4.19
CA PRO A 193 -14.68 -6.07 -3.04
C PRO A 193 -13.66 -6.31 -1.96
N ILE A 194 -13.21 -5.21 -1.34
CA ILE A 194 -12.47 -5.29 -0.09
C ILE A 194 -13.50 -5.55 1.00
N LYS A 195 -13.43 -6.71 1.62
CA LYS A 195 -14.35 -7.08 2.70
C LYS A 195 -14.18 -6.35 3.98
N GLU A 196 -12.96 -5.97 4.29
CA GLU A 196 -12.62 -5.33 5.54
C GLU A 196 -11.36 -4.55 5.26
N GLU A 197 -11.38 -3.27 5.61
CA GLU A 197 -10.29 -2.31 5.34
C GLU A 197 -9.32 -2.30 6.51
N TRP A 198 -8.37 -3.22 6.47
CA TRP A 198 -7.26 -3.28 7.43
C TRP A 198 -6.03 -3.68 6.64
N TYR A 199 -5.84 -5.00 6.48
CA TYR A 199 -5.15 -5.55 5.32
C TYR A 199 -6.06 -5.38 4.14
N TYR A 200 -5.57 -5.72 2.95
CA TYR A 200 -6.44 -5.77 1.75
C TYR A 200 -7.14 -7.11 1.74
N GLN A 201 -8.19 -7.23 2.56
CA GLN A 201 -8.91 -8.49 2.72
C GLN A 201 -9.96 -8.60 1.60
N ILE A 202 -9.90 -9.73 0.86
CA ILE A 202 -10.81 -10.05 -0.25
C ILE A 202 -11.44 -11.43 0.03
N GLU A 203 -12.51 -11.74 -0.68
CA GLU A 203 -13.24 -12.99 -0.47
C GLU A 203 -12.90 -14.05 -1.53
N ILE A 204 -12.30 -15.16 -1.08
CA ILE A 204 -11.98 -16.29 -1.96
C ILE A 204 -13.14 -17.28 -1.89
N LEU A 205 -13.61 -17.66 -3.08
CA LEU A 205 -14.78 -18.57 -3.22
C LEU A 205 -14.41 -20.02 -3.45
N LYS A 206 -13.33 -20.24 -4.16
CA LYS A 206 -12.99 -21.58 -4.67
C LYS A 206 -11.53 -21.58 -5.11
N LEU A 207 -10.83 -22.70 -4.86
CA LEU A 207 -9.54 -23.01 -5.48
C LEU A 207 -9.77 -24.23 -6.38
N GLU A 208 -9.12 -24.18 -7.54
CA GLU A 208 -9.21 -25.19 -8.59
C GLU A 208 -7.80 -25.54 -9.05
N ILE A 209 -7.48 -26.84 -9.08
CA ILE A 209 -6.16 -27.34 -9.46
C ILE A 209 -6.35 -28.21 -10.70
N GLY A 210 -5.76 -27.80 -11.81
CA GLY A 210 -5.86 -28.56 -13.06
C GLY A 210 -7.29 -28.73 -13.58
N GLY A 211 -8.15 -27.75 -13.28
CA GLY A 211 -9.58 -27.83 -13.57
C GLY A 211 -10.47 -28.56 -12.59
N GLN A 212 -9.92 -29.09 -11.50
CA GLN A 212 -10.72 -29.74 -10.44
C GLN A 212 -10.78 -28.92 -9.15
N SER A 213 -12.00 -28.69 -8.65
CA SER A 213 -12.23 -28.00 -7.38
C SER A 213 -11.73 -28.81 -6.19
N LEU A 214 -11.17 -28.11 -5.19
CA LEU A 214 -10.77 -28.75 -3.94
C LEU A 214 -11.93 -29.31 -3.11
N ASN A 215 -13.13 -28.75 -3.27
CA ASN A 215 -14.34 -29.23 -2.57
C ASN A 215 -14.21 -29.12 -1.04
N LEU A 216 -13.74 -27.95 -0.64
CA LEU A 216 -13.68 -27.53 0.75
C LEU A 216 -14.85 -26.57 0.95
N ASP A 217 -15.26 -26.39 2.20
CA ASP A 217 -16.20 -25.31 2.54
C ASP A 217 -15.45 -24.00 2.29
N CYS A 218 -16.10 -23.05 1.61
CA CYS A 218 -15.43 -21.78 1.19
C CYS A 218 -14.94 -20.93 2.37
N ARG A 219 -15.49 -21.13 3.57
CA ARG A 219 -14.93 -20.55 4.79
C ARG A 219 -13.50 -20.94 5.10
N GLU A 220 -13.07 -22.12 4.68
CA GLU A 220 -11.68 -22.57 4.88
C GLU A 220 -10.65 -21.65 4.16
N TYR A 221 -11.09 -21.00 3.07
CA TYR A 221 -10.24 -20.04 2.34
C TYR A 221 -10.17 -18.65 2.97
N ASN A 222 -11.01 -18.37 3.96
CA ASN A 222 -11.14 -17.02 4.56
C ASN A 222 -11.13 -17.01 6.09
N ALA A 223 -10.81 -18.15 6.73
CA ALA A 223 -11.23 -18.37 8.13
C ALA A 223 -10.53 -17.39 9.07
N ASP A 224 -9.21 -17.32 8.92
CA ASP A 224 -8.41 -16.29 9.54
C ASP A 224 -8.64 -14.99 8.75
N LYS A 225 -8.32 -15.01 7.45
CA LYS A 225 -8.53 -13.93 6.45
C LYS A 225 -7.81 -14.29 5.15
N ALA A 226 -8.32 -13.85 4.01
CA ALA A 226 -7.60 -13.86 2.73
C ALA A 226 -7.20 -12.45 2.33
N ILE A 227 -5.91 -12.22 2.09
CA ILE A 227 -5.38 -10.86 1.86
C ILE A 227 -4.41 -10.84 0.70
N VAL A 228 -4.20 -9.66 0.14
CA VAL A 228 -3.25 -9.42 -0.91
C VAL A 228 -2.11 -8.65 -0.25
N ASP A 229 -0.92 -9.26 -0.21
CA ASP A 229 0.21 -8.76 0.56
C ASP A 229 1.50 -8.81 -0.27
N SER A 230 1.92 -7.65 -0.76
CA SER A 230 3.15 -7.53 -1.56
C SER A 230 4.41 -7.74 -0.70
N GLY A 231 4.28 -7.71 0.63
CA GLY A 231 5.37 -8.02 1.54
C GLY A 231 5.46 -9.45 2.00
N THR A 232 4.71 -10.36 1.37
CA THR A 232 4.80 -11.80 1.59
C THR A 232 5.35 -12.40 0.30
N THR A 233 6.32 -13.31 0.43
N THR A 233 6.29 -13.33 0.45
CA THR A 233 6.98 -13.93 -0.72
CA THR A 233 6.97 -13.92 -0.68
C THR A 233 6.07 -14.95 -1.42
C THR A 233 6.09 -14.94 -1.42
N LEU A 234 5.67 -15.98 -0.70
CA LEU A 234 4.97 -17.14 -1.29
C LEU A 234 3.46 -16.96 -1.23
N LEU A 235 2.76 -17.81 -1.97
CA LEU A 235 1.36 -18.05 -1.69
C LEU A 235 1.26 -18.83 -0.41
N ARG A 236 0.57 -18.28 0.59
CA ARG A 236 0.46 -18.91 1.89
C ARG A 236 -0.96 -19.40 2.06
N LEU A 237 -1.12 -20.68 2.37
CA LEU A 237 -2.44 -21.28 2.49
C LEU A 237 -2.62 -21.89 3.90
N PRO A 238 -3.79 -21.67 4.55
CA PRO A 238 -4.12 -22.38 5.79
C PRO A 238 -3.92 -23.90 5.63
N GLN A 239 -3.43 -24.54 6.69
CA GLN A 239 -2.94 -25.95 6.63
C GLN A 239 -3.86 -26.90 5.87
N LYS A 240 -5.15 -26.85 6.17
CA LYS A 240 -6.14 -27.72 5.50
C LYS A 240 -6.28 -27.44 3.99
N VAL A 241 -6.21 -26.17 3.60
CA VAL A 241 -6.22 -25.79 2.19
C VAL A 241 -4.90 -26.23 1.53
N PHE A 242 -3.78 -25.98 2.22
CA PHE A 242 -2.45 -26.39 1.75
C PHE A 242 -2.41 -27.90 1.45
N ASP A 243 -2.87 -28.70 2.42
CA ASP A 243 -2.88 -30.18 2.24
C ASP A 243 -3.74 -30.61 1.06
N ALA A 244 -4.89 -29.97 0.85
CA ALA A 244 -5.74 -30.22 -0.32
C ALA A 244 -5.09 -29.84 -1.65
N VAL A 245 -4.39 -28.70 -1.66
CA VAL A 245 -3.67 -28.27 -2.83
C VAL A 245 -2.55 -29.26 -3.16
N VAL A 246 -1.76 -29.66 -2.16
CA VAL A 246 -0.66 -30.63 -2.32
C VAL A 246 -1.21 -31.94 -2.89
N GLU A 247 -2.26 -32.47 -2.26
CA GLU A 247 -2.93 -33.68 -2.75
C GLU A 247 -3.33 -33.53 -4.24
N ALA A 248 -3.94 -32.39 -4.59
CA ALA A 248 -4.42 -32.15 -5.94
C ALA A 248 -3.31 -31.94 -6.97
N VAL A 249 -2.22 -31.27 -6.58
CA VAL A 249 -1.06 -31.10 -7.46
C VAL A 249 -0.41 -32.47 -7.76
N ALA A 250 -0.21 -33.27 -6.73
CA ALA A 250 0.37 -34.64 -6.87
C ALA A 250 -0.50 -35.57 -7.73
N ARG A 251 -1.82 -35.47 -7.62
CA ARG A 251 -2.74 -36.23 -8.51
C ARG A 251 -2.69 -35.76 -9.97
N ALA A 252 -2.65 -34.45 -10.19
CA ALA A 252 -2.66 -33.88 -11.54
C ALA A 252 -1.35 -33.85 -12.33
N SER A 253 -0.22 -33.89 -11.62
N SER A 253 -0.23 -33.88 -11.62
CA SER A 253 1.10 -33.79 -12.21
CA SER A 253 1.09 -33.78 -12.23
C SER A 253 1.50 -35.06 -12.95
C SER A 253 1.50 -35.06 -12.95
N LEU A 254 2.23 -34.89 -14.05
CA LEU A 254 2.79 -36.02 -14.84
C LEU A 254 4.15 -36.52 -14.31
N ILE A 255 4.68 -35.90 -13.25
CA ILE A 255 5.79 -36.45 -12.47
C ILE A 255 5.18 -37.54 -11.57
N PRO A 256 5.71 -38.78 -11.63
CA PRO A 256 5.13 -39.89 -10.86
C PRO A 256 5.24 -39.78 -9.33
N GLU A 257 6.30 -39.11 -8.83
CA GLU A 257 6.62 -39.09 -7.41
C GLU A 257 7.20 -37.76 -7.01
N PHE A 258 6.62 -37.16 -5.98
CA PHE A 258 7.21 -36.05 -5.24
C PHE A 258 7.52 -36.50 -3.83
N SER A 259 8.64 -36.05 -3.29
CA SER A 259 8.92 -36.33 -1.89
C SER A 259 8.03 -35.46 -1.00
N ASP A 260 7.82 -35.94 0.21
CA ASP A 260 7.11 -35.12 1.22
C ASP A 260 7.86 -33.83 1.50
N GLY A 261 9.19 -33.89 1.49
CA GLY A 261 10.04 -32.72 1.70
C GLY A 261 9.93 -31.64 0.63
N PHE A 262 9.59 -32.01 -0.61
CA PHE A 262 9.33 -31.02 -1.66
C PHE A 262 8.23 -30.05 -1.26
N TRP A 263 7.15 -30.58 -0.71
CA TRP A 263 5.97 -29.76 -0.38
C TRP A 263 6.26 -28.83 0.78
N THR A 264 7.13 -29.23 1.71
CA THR A 264 7.48 -28.38 2.88
C THR A 264 8.65 -27.42 2.64
N GLY A 265 9.27 -27.45 1.46
CA GLY A 265 10.46 -26.65 1.14
C GLY A 265 11.78 -27.19 1.65
N SER A 266 11.80 -28.43 2.13
CA SER A 266 13.02 -29.10 2.65
C SER A 266 13.87 -29.75 1.56
N GLN A 267 13.27 -30.08 0.42
CA GLN A 267 13.97 -30.66 -0.71
C GLN A 267 13.62 -29.91 -1.98
N LEU A 268 14.61 -29.78 -2.87
CA LEU A 268 14.41 -29.26 -4.23
C LEU A 268 14.11 -30.41 -5.18
N ALA A 269 13.31 -30.11 -6.19
CA ALA A 269 13.08 -31.00 -7.31
C ALA A 269 14.02 -30.53 -8.41
N CYS A 270 14.88 -31.43 -8.92
CA CYS A 270 15.91 -31.09 -9.92
C CYS A 270 15.72 -31.91 -11.21
N TRP A 271 15.96 -31.26 -12.35
CA TRP A 271 15.93 -31.86 -13.68
C TRP A 271 17.15 -31.39 -14.47
N THR A 272 17.43 -32.12 -15.55
CA THR A 272 18.46 -31.74 -16.54
C THR A 272 17.77 -31.31 -17.84
N ASN A 273 18.23 -30.18 -18.42
CA ASN A 273 17.67 -29.56 -19.64
C ASN A 273 16.20 -29.13 -19.51
N THR A 276 13.02 -28.43 -18.84
CA THR A 276 12.03 -27.60 -18.15
C THR A 276 10.92 -28.45 -17.49
N PRO A 277 10.70 -28.29 -16.17
CA PRO A 277 9.62 -29.04 -15.51
C PRO A 277 8.18 -28.53 -15.67
N TRP A 278 8.00 -27.31 -16.18
CA TRP A 278 6.71 -26.60 -16.05
C TRP A 278 5.55 -27.27 -16.80
N SER A 279 5.79 -27.85 -17.97
CA SER A 279 4.76 -28.65 -18.68
C SER A 279 4.20 -29.88 -17.91
N TYR A 280 4.94 -30.38 -16.89
CA TYR A 280 4.49 -31.51 -16.05
C TYR A 280 3.60 -31.13 -14.84
N PHE A 281 3.23 -29.86 -14.66
CA PHE A 281 2.48 -29.41 -13.47
C PHE A 281 1.12 -28.76 -13.88
N PRO A 282 0.09 -28.82 -13.00
CA PRO A 282 -1.22 -28.20 -13.28
C PRO A 282 -1.25 -26.67 -13.05
N LYS A 283 -2.17 -26.02 -13.75
CA LYS A 283 -2.58 -24.65 -13.40
C LYS A 283 -3.32 -24.60 -12.05
N ILE A 284 -3.13 -23.50 -11.30
CA ILE A 284 -3.86 -23.26 -10.04
C ILE A 284 -4.71 -21.99 -10.20
N SER A 285 -6.01 -22.11 -9.91
CA SER A 285 -6.96 -21.00 -10.08
C SER A 285 -7.59 -20.63 -8.75
N ILE A 286 -7.67 -19.32 -8.51
CA ILE A 286 -8.32 -18.74 -7.33
C ILE A 286 -9.51 -17.92 -7.83
N TYR A 287 -10.71 -18.27 -7.35
CA TYR A 287 -11.95 -17.58 -7.71
C TYR A 287 -12.28 -16.54 -6.64
N LEU A 288 -12.55 -15.34 -7.14
CA LEU A 288 -12.83 -14.14 -6.35
C LEU A 288 -14.23 -13.63 -6.70
N ARG A 289 -14.96 -13.16 -5.68
CA ARG A 289 -16.30 -12.62 -5.91
C ARG A 289 -16.21 -11.29 -6.66
N ASP A 290 -17.07 -11.09 -7.64
CA ASP A 290 -17.18 -9.84 -8.37
C ASP A 290 -17.99 -8.87 -7.49
N GLU A 291 -17.91 -7.60 -7.85
CA GLU A 291 -18.75 -6.58 -7.20
C GLU A 291 -20.25 -6.93 -7.29
N ASN A 292 -20.67 -7.59 -8.37
CA ASN A 292 -21.98 -8.30 -8.41
C ASN A 292 -21.79 -9.68 -7.79
N SER A 293 -22.43 -9.94 -6.66
CA SER A 293 -22.15 -11.16 -5.87
C SER A 293 -22.56 -12.50 -6.52
N SER A 294 -23.41 -12.42 -7.54
CA SER A 294 -23.75 -13.56 -8.41
C SER A 294 -22.67 -13.98 -9.41
N ARG A 295 -21.64 -13.14 -9.61
N ARG A 295 -21.62 -13.16 -9.58
CA ARG A 295 -20.51 -13.43 -10.51
CA ARG A 295 -20.52 -13.48 -10.49
C ARG A 295 -19.20 -13.58 -9.72
C ARG A 295 -19.19 -13.56 -9.75
N SER A 296 -18.29 -14.39 -10.27
CA SER A 296 -16.92 -14.48 -9.81
C SER A 296 -16.04 -14.40 -11.04
N PHE A 297 -14.75 -14.20 -10.79
CA PHE A 297 -13.72 -14.33 -11.84
C PHE A 297 -12.62 -15.14 -11.21
N ARG A 298 -11.74 -15.67 -12.07
CA ARG A 298 -10.64 -16.50 -11.61
C ARG A 298 -9.31 -15.91 -12.05
N ILE A 299 -8.37 -15.91 -11.12
CA ILE A 299 -6.97 -15.59 -11.40
C ILE A 299 -6.23 -16.93 -11.37
N THR A 300 -5.43 -17.15 -12.42
CA THR A 300 -4.82 -18.46 -12.66
C THR A 300 -3.31 -18.26 -12.75
N ILE A 301 -2.57 -19.10 -12.03
CA ILE A 301 -1.12 -19.12 -12.13
C ILE A 301 -0.70 -20.43 -12.79
N LEU A 302 0.24 -20.30 -13.70
CA LEU A 302 0.87 -21.47 -14.33
C LEU A 302 2.02 -21.95 -13.43
N PRO A 303 2.50 -23.19 -13.63
CA PRO A 303 3.60 -23.74 -12.83
C PRO A 303 4.84 -22.88 -12.70
N GLN A 304 5.13 -22.07 -13.73
CA GLN A 304 6.18 -21.08 -13.74
C GLN A 304 6.18 -20.17 -12.50
N LEU A 305 4.99 -19.89 -11.97
CA LEU A 305 4.87 -19.04 -10.76
C LEU A 305 4.88 -19.77 -9.41
N TYR A 306 4.70 -21.09 -9.40
CA TYR A 306 4.76 -21.81 -8.13
C TYR A 306 5.80 -22.93 -8.01
N ILE A 307 6.57 -23.18 -9.07
CA ILE A 307 7.68 -24.17 -9.07
C ILE A 307 8.85 -23.27 -9.40
N GLN A 308 9.57 -22.84 -8.38
N GLN A 308 9.57 -22.86 -8.36
CA GLN A 308 10.43 -21.65 -8.45
CA GLN A 308 10.50 -21.73 -8.43
C GLN A 308 11.90 -22.03 -8.62
C GLN A 308 11.93 -22.15 -8.68
N PRO A 309 12.58 -21.57 -9.72
CA PRO A 309 14.03 -21.85 -9.89
C PRO A 309 14.88 -21.32 -8.73
N MET A 310 15.90 -22.09 -8.34
CA MET A 310 16.80 -21.74 -7.22
C MET A 310 18.24 -22.09 -7.59
N GLU A 318 19.22 -27.76 -13.25
CA GLU A 318 18.56 -26.68 -12.51
C GLU A 318 17.50 -27.24 -11.54
N CYS A 319 17.45 -26.64 -10.35
CA CYS A 319 16.62 -27.14 -9.25
C CYS A 319 15.50 -26.15 -8.93
N TYR A 320 14.40 -26.69 -8.38
CA TYR A 320 13.17 -25.94 -8.16
C TYR A 320 12.65 -26.18 -6.74
N ARG A 321 12.16 -25.11 -6.11
CA ARG A 321 11.47 -25.13 -4.82
C ARG A 321 9.97 -24.89 -5.02
N PHE A 322 9.14 -25.48 -4.15
CA PHE A 322 7.70 -25.28 -4.15
C PHE A 322 7.39 -23.88 -3.63
N GLY A 323 6.59 -23.14 -4.39
CA GLY A 323 6.31 -21.71 -4.16
C GLY A 323 5.07 -21.43 -3.33
N ILE A 324 4.60 -22.41 -2.59
CA ILE A 324 3.44 -22.34 -1.74
C ILE A 324 3.86 -22.87 -0.38
N SER A 325 3.38 -22.27 0.70
CA SER A 325 3.70 -22.71 2.06
C SER A 325 2.46 -22.70 2.93
N PRO A 326 2.43 -23.56 3.97
CA PRO A 326 1.35 -23.55 4.90
C PRO A 326 1.43 -22.33 5.83
N SER A 327 0.26 -21.87 6.25
CA SER A 327 0.11 -20.76 7.17
C SER A 327 -0.48 -21.30 8.47
N THR A 328 0.12 -20.90 9.59
CA THR A 328 -0.54 -20.94 10.91
C THR A 328 -1.80 -20.05 10.98
N ASN A 329 -1.81 -18.95 10.22
CA ASN A 329 -2.82 -17.87 10.29
C ASN A 329 -3.62 -17.72 8.98
N ALA A 330 -3.21 -16.82 8.07
CA ALA A 330 -4.05 -16.30 6.98
C ALA A 330 -3.82 -17.00 5.64
N LEU A 331 -4.74 -16.83 4.68
CA LEU A 331 -4.47 -17.12 3.27
C LEU A 331 -3.88 -15.84 2.64
N VAL A 332 -2.62 -15.90 2.22
CA VAL A 332 -1.93 -14.71 1.73
C VAL A 332 -1.60 -14.83 0.26
N ILE A 333 -2.14 -13.92 -0.56
CA ILE A 333 -1.78 -13.79 -1.95
C ILE A 333 -0.58 -12.87 -1.94
N GLY A 334 0.61 -13.46 -2.00
CA GLY A 334 1.86 -12.76 -1.93
C GLY A 334 2.48 -12.49 -3.29
N ALA A 335 3.78 -12.15 -3.26
CA ALA A 335 4.51 -11.61 -4.45
C ALA A 335 4.56 -12.52 -5.63
N THR A 336 4.58 -13.82 -5.39
CA THR A 336 4.71 -14.77 -6.46
C THR A 336 3.42 -14.92 -7.27
N VAL A 337 2.24 -14.79 -6.62
CA VAL A 337 0.96 -14.68 -7.33
C VAL A 337 0.88 -13.31 -7.96
N MET A 338 1.29 -12.26 -7.22
CA MET A 338 1.23 -10.92 -7.76
C MET A 338 2.12 -10.70 -8.98
N GLU A 339 3.18 -11.50 -9.10
CA GLU A 339 4.00 -11.55 -10.33
C GLU A 339 3.24 -11.97 -11.60
N GLY A 340 2.02 -12.49 -11.46
CA GLY A 340 1.17 -12.74 -12.59
C GLY A 340 0.27 -11.65 -13.07
N PHE A 341 0.09 -10.61 -12.25
CA PHE A 341 -1.02 -9.66 -12.40
C PHE A 341 -0.63 -8.23 -12.11
N TYR A 342 -1.28 -7.34 -12.84
CA TYR A 342 -1.32 -5.94 -12.46
C TYR A 342 -2.42 -5.82 -11.44
N VAL A 343 -2.08 -5.38 -10.24
CA VAL A 343 -3.00 -5.38 -9.10
C VAL A 343 -3.31 -3.94 -8.70
N ILE A 344 -4.59 -3.62 -8.65
CA ILE A 344 -5.08 -2.23 -8.45
C ILE A 344 -5.68 -2.19 -7.06
N PHE A 345 -5.09 -1.40 -6.18
CA PHE A 345 -5.56 -1.24 -4.79
C PHE A 345 -6.41 0.03 -4.78
N ASP A 346 -7.70 -0.16 -5.11
CA ASP A 346 -8.67 0.94 -5.29
C ASP A 346 -9.35 1.20 -3.97
N ARG A 347 -8.65 1.94 -3.12
CA ARG A 347 -9.12 2.23 -1.79
C ARG A 347 -10.38 3.12 -1.88
N ALA A 348 -10.38 4.03 -2.84
CA ALA A 348 -11.54 4.95 -2.99
C ALA A 348 -12.85 4.24 -3.23
N GLN A 349 -12.81 3.13 -3.98
CA GLN A 349 -14.01 2.35 -4.34
C GLN A 349 -14.07 0.99 -3.63
N LYS A 350 -13.23 0.79 -2.61
CA LYS A 350 -13.27 -0.37 -1.75
C LYS A 350 -13.23 -1.68 -2.54
N ARG A 351 -12.23 -1.78 -3.40
CA ARG A 351 -12.10 -2.95 -4.26
C ARG A 351 -10.64 -3.13 -4.68
N VAL A 352 -10.31 -4.38 -5.03
CA VAL A 352 -9.01 -4.75 -5.57
C VAL A 352 -9.23 -5.25 -6.98
N GLY A 353 -8.49 -4.66 -7.91
CA GLY A 353 -8.56 -5.00 -9.32
C GLY A 353 -7.41 -5.93 -9.72
N PHE A 354 -7.63 -6.80 -10.71
CA PHE A 354 -6.61 -7.68 -11.29
C PHE A 354 -6.70 -7.61 -12.80
N ALA A 355 -5.56 -7.56 -13.46
CA ALA A 355 -5.43 -7.75 -14.92
C ALA A 355 -4.16 -8.58 -15.10
N ALA A 356 -4.12 -9.41 -16.13
CA ALA A 356 -2.91 -10.21 -16.41
C ALA A 356 -1.75 -9.29 -16.81
N SER A 357 -0.56 -9.55 -16.25
CA SER A 357 0.62 -8.69 -16.51
C SER A 357 1.26 -9.11 -17.88
N PRO A 358 1.38 -8.19 -18.86
CA PRO A 358 2.16 -8.44 -20.11
C PRO A 358 3.62 -8.84 -19.86
N CYS A 359 4.23 -8.29 -18.81
CA CYS A 359 5.57 -8.74 -18.38
C CYS A 359 5.62 -10.13 -17.74
N ALA A 360 4.47 -10.72 -17.38
CA ALA A 360 4.42 -12.06 -16.78
C ALA A 360 4.48 -13.07 -17.91
N GLU A 361 5.68 -13.21 -18.46
N GLU A 361 5.69 -13.22 -18.44
CA GLU A 361 5.94 -14.09 -19.59
CA GLU A 361 5.95 -14.08 -19.59
C GLU A 361 7.33 -14.67 -19.41
C GLU A 361 7.33 -14.67 -19.40
N ILE A 362 7.45 -15.99 -19.60
CA ILE A 362 8.74 -16.69 -19.57
C ILE A 362 8.81 -17.51 -20.86
N ALA A 363 9.92 -17.41 -21.60
CA ALA A 363 10.18 -18.26 -22.78
C ALA A 363 9.02 -18.25 -23.79
N GLY A 364 8.48 -17.06 -24.00
CA GLY A 364 7.36 -16.82 -24.91
C GLY A 364 5.97 -17.26 -24.50
N ALA A 365 5.80 -17.63 -23.22
CA ALA A 365 4.54 -18.14 -22.71
C ALA A 365 4.08 -17.27 -21.54
N ALA A 366 2.82 -16.83 -21.59
CA ALA A 366 2.20 -16.19 -20.44
C ALA A 366 2.22 -17.17 -19.26
N VAL A 367 2.55 -16.67 -18.08
CA VAL A 367 2.62 -17.47 -16.86
C VAL A 367 1.37 -17.33 -15.96
N SER A 368 0.37 -16.58 -16.42
CA SER A 368 -0.86 -16.36 -15.68
C SER A 368 -2.00 -16.08 -16.63
N GLU A 369 -3.20 -16.21 -16.11
CA GLU A 369 -4.42 -15.97 -16.88
C GLU A 369 -5.45 -15.35 -15.98
N ILE A 370 -6.38 -14.62 -16.59
CA ILE A 370 -7.56 -14.14 -15.87
C ILE A 370 -8.77 -14.37 -16.76
N SER A 371 -9.87 -14.76 -16.15
CA SER A 371 -11.08 -15.00 -16.90
C SER A 371 -12.30 -14.90 -16.05
N GLY A 372 -13.41 -14.69 -16.75
CA GLY A 372 -14.71 -14.61 -16.10
C GLY A 372 -15.77 -14.19 -17.11
N PRO A 373 -17.04 -14.11 -16.69
CA PRO A 373 -17.54 -14.40 -15.37
C PRO A 373 -17.95 -15.85 -15.17
N PHE A 374 -18.04 -16.29 -13.92
CA PHE A 374 -18.56 -17.60 -13.50
C PHE A 374 -19.63 -17.38 -12.48
N SER A 375 -20.61 -18.27 -12.44
CA SER A 375 -21.71 -18.19 -11.49
C SER A 375 -21.27 -18.54 -10.06
N THR A 376 -21.85 -17.83 -9.08
CA THR A 376 -21.66 -18.15 -7.65
C THR A 376 -22.89 -18.75 -6.95
N GLU A 377 -23.84 -19.25 -7.74
CA GLU A 377 -25.10 -19.83 -7.21
C GLU A 377 -24.88 -21.08 -6.33
N ASP A 378 -23.83 -21.86 -6.66
CA ASP A 378 -23.43 -23.04 -5.89
C ASP A 378 -22.62 -22.77 -4.61
N VAL A 379 -22.35 -21.49 -4.29
CA VAL A 379 -21.58 -21.08 -3.12
C VAL A 379 -22.44 -20.15 -2.26
N ALA A 380 -22.17 -20.13 -0.96
CA ALA A 380 -22.82 -19.24 0.03
C ALA A 380 -22.58 -17.76 -0.28
N SER A 381 -23.51 -16.93 0.19
CA SER A 381 -23.46 -15.48 -0.10
C SER A 381 -22.32 -14.75 0.67
N ASN A 382 -21.87 -15.32 1.79
CA ASN A 382 -20.69 -14.87 2.52
C ASN A 382 -19.80 -16.06 2.92
N CYS A 383 -18.59 -16.09 2.32
CA CYS A 383 -17.54 -17.07 2.64
C CYS A 383 -16.56 -16.65 3.75
N VAL A 384 -16.71 -15.45 4.30
CA VAL A 384 -15.94 -15.03 5.48
C VAL A 384 -16.76 -15.45 6.71
N PRO A 385 -16.13 -16.01 7.77
CA PRO A 385 -16.90 -16.33 8.99
C PRO A 385 -17.47 -15.09 9.70
N GLN B 1 -12.75 8.70 19.91
CA GLN B 1 -13.18 8.89 18.48
C GLN B 1 -12.99 10.33 17.99
N VAL B 2 -12.47 10.44 16.79
CA VAL B 2 -11.91 11.67 16.25
C VAL B 2 -12.99 12.64 15.81
N GLN B 3 -12.86 13.90 16.22
CA GLN B 3 -13.74 14.98 15.82
C GLN B 3 -12.88 16.13 15.28
N LEU B 4 -13.26 16.63 14.12
CA LEU B 4 -12.70 17.81 13.49
C LEU B 4 -13.86 18.67 13.08
N GLN B 5 -13.84 19.94 13.43
CA GLN B 5 -14.89 20.89 13.07
C GLN B 5 -14.32 22.23 12.72
N GLU B 6 -14.50 22.65 11.46
CA GLU B 6 -13.99 23.87 10.92
C GLU B 6 -14.98 25.01 11.11
N SER B 7 -14.46 26.23 11.18
N SER B 7 -14.44 26.23 11.22
CA SER B 7 -15.29 27.42 11.26
CA SER B 7 -15.22 27.44 11.40
C SER B 7 -14.46 28.57 10.74
C SER B 7 -14.45 28.57 10.74
N GLY B 8 -15.10 29.72 10.60
CA GLY B 8 -14.47 30.95 10.18
C GLY B 8 -14.61 31.37 8.74
N GLY B 9 -15.29 30.56 7.92
CA GLY B 9 -15.54 30.95 6.57
C GLY B 9 -16.55 32.08 6.48
N GLY B 10 -16.72 32.54 5.27
CA GLY B 10 -17.65 33.63 5.02
C GLY B 10 -17.64 34.05 3.58
N LEU B 11 -18.40 35.10 3.33
CA LEU B 11 -18.51 35.76 2.04
C LEU B 11 -17.78 37.08 2.09
N VAL B 12 -16.72 37.22 1.29
CA VAL B 12 -15.86 38.38 1.33
C VAL B 12 -15.65 38.93 -0.05
N GLN B 13 -15.20 40.18 -0.14
CA GLN B 13 -14.85 40.78 -1.44
C GLN B 13 -13.42 40.41 -1.81
N PRO B 14 -13.05 40.49 -3.11
CA PRO B 14 -11.66 40.35 -3.52
C PRO B 14 -10.75 41.31 -2.75
N GLY B 15 -9.62 40.79 -2.28
CA GLY B 15 -8.71 41.47 -1.37
C GLY B 15 -9.07 41.33 0.08
N GLY B 16 -10.18 40.67 0.42
CA GLY B 16 -10.60 40.43 1.79
C GLY B 16 -9.78 39.35 2.47
N SER B 17 -10.19 39.03 3.68
N SER B 17 -10.07 39.17 3.75
CA SER B 17 -9.46 38.16 4.56
CA SER B 17 -9.38 38.23 4.66
C SER B 17 -10.38 37.42 5.49
C SER B 17 -10.39 37.42 5.48
N LEU B 18 -9.98 36.20 5.85
CA LEU B 18 -10.68 35.37 6.79
C LEU B 18 -9.63 34.67 7.64
N ARG B 19 -10.07 34.26 8.80
CA ARG B 19 -9.29 33.40 9.67
C ARG B 19 -10.08 32.12 9.94
N LEU B 20 -9.63 31.03 9.30
CA LEU B 20 -10.29 29.74 9.54
C LEU B 20 -9.71 29.07 10.76
N SER B 21 -10.54 28.31 11.46
N SER B 21 -10.51 28.27 11.43
CA SER B 21 -10.17 27.53 12.63
CA SER B 21 -10.05 27.52 12.56
C SER B 21 -10.66 26.12 12.41
C SER B 21 -10.69 26.15 12.50
N CYS B 22 -10.01 25.17 13.08
CA CYS B 22 -10.51 23.81 13.19
C CYS B 22 -10.28 23.34 14.62
N ALA B 23 -11.35 22.98 15.29
CA ALA B 23 -11.30 22.44 16.62
C ALA B 23 -11.18 20.93 16.49
N ALA B 24 -10.29 20.34 17.25
CA ALA B 24 -10.02 18.94 17.21
C ALA B 24 -10.25 18.29 18.57
N SER B 25 -10.77 17.08 18.57
CA SER B 25 -10.85 16.30 19.80
C SER B 25 -10.80 14.82 19.48
N GLY B 26 -10.53 14.04 20.53
CA GLY B 26 -10.50 12.59 20.44
C GLY B 26 -9.21 11.92 19.98
N PHE B 27 -8.15 12.71 19.84
CA PHE B 27 -6.79 12.21 19.57
C PHE B 27 -5.78 13.21 20.16
N THR B 28 -4.52 12.81 20.19
CA THR B 28 -3.45 13.68 20.67
C THR B 28 -3.08 14.68 19.60
N PHE B 29 -3.70 15.85 19.67
CA PHE B 29 -3.53 16.89 18.64
C PHE B 29 -2.09 17.33 18.54
N SER B 30 -1.41 17.44 19.68
CA SER B 30 -0.03 17.86 19.71
C SER B 30 0.96 16.92 19.00
N SER B 31 0.57 15.68 18.69
N SER B 31 0.56 15.69 18.68
CA SER B 31 1.39 14.76 17.90
CA SER B 31 1.37 14.77 17.90
C SER B 31 0.93 14.56 16.46
C SER B 31 0.90 14.52 16.48
N ALA B 32 -0.07 15.31 15.99
CA ALA B 32 -0.70 15.07 14.69
C ALA B 32 -0.21 16.05 13.64
N ILE B 33 0.20 15.54 12.48
CA ILE B 33 0.32 16.34 11.27
C ILE B 33 -1.08 16.81 10.92
N MET B 34 -1.21 18.07 10.50
N MET B 34 -1.23 18.07 10.53
CA MET B 34 -2.48 18.67 10.13
CA MET B 34 -2.52 18.61 10.13
C MET B 34 -2.42 19.29 8.74
C MET B 34 -2.44 19.29 8.77
N THR B 35 -3.51 19.16 7.99
CA THR B 35 -3.57 19.63 6.60
C THR B 35 -4.89 20.33 6.33
N TRP B 36 -4.82 21.42 5.60
CA TRP B 36 -5.98 22.07 5.00
C TRP B 36 -6.06 21.70 3.51
N VAL B 37 -7.28 21.37 3.06
CA VAL B 37 -7.63 21.05 1.68
C VAL B 37 -8.82 21.89 1.30
N ARG B 38 -8.97 22.20 0.02
CA ARG B 38 -10.18 22.87 -0.45
C ARG B 38 -10.82 22.13 -1.61
N GLN B 39 -12.15 22.31 -1.73
CA GLN B 39 -12.93 21.65 -2.75
C GLN B 39 -14.08 22.57 -3.17
N ALA B 40 -14.07 22.94 -4.45
CA ALA B 40 -15.18 23.71 -5.06
C ALA B 40 -15.99 22.80 -5.98
N PRO B 41 -17.32 23.06 -6.10
CA PRO B 41 -18.14 22.24 -7.02
C PRO B 41 -17.58 22.25 -8.46
N GLY B 42 -17.49 21.05 -9.03
CA GLY B 42 -17.03 20.89 -10.40
C GLY B 42 -15.53 21.01 -10.60
N LYS B 43 -14.75 21.08 -9.51
CA LYS B 43 -13.30 21.21 -9.59
C LYS B 43 -12.66 20.05 -8.85
N GLY B 44 -11.37 19.87 -9.13
CA GLY B 44 -10.57 18.89 -8.41
C GLY B 44 -10.29 19.35 -6.99
N ARG B 45 -10.20 18.39 -6.08
CA ARG B 45 -9.70 18.58 -4.71
C ARG B 45 -8.30 19.23 -4.77
N GLU B 46 -8.05 20.24 -3.93
CA GLU B 46 -6.79 21.00 -3.97
C GLU B 46 -6.23 21.11 -2.58
N TRP B 47 -5.06 20.46 -2.34
CA TRP B 47 -4.25 20.70 -1.16
C TRP B 47 -3.90 22.17 -1.00
N VAL B 48 -4.04 22.67 0.23
CA VAL B 48 -3.71 24.07 0.54
C VAL B 48 -2.43 24.18 1.33
N SER B 49 -2.36 23.52 2.48
CA SER B 49 -1.19 23.67 3.38
C SER B 49 -1.13 22.55 4.39
N THR B 50 0.07 22.21 4.81
CA THR B 50 0.30 21.22 5.85
C THR B 50 1.21 21.82 6.91
N ILE B 51 0.98 21.40 8.15
CA ILE B 51 1.79 21.82 9.30
C ILE B 51 2.15 20.61 10.11
N GLY B 52 3.46 20.49 10.44
CA GLY B 52 3.87 19.43 11.36
C GLY B 52 3.38 19.62 12.76
N SER B 53 3.56 18.60 13.56
CA SER B 53 2.90 18.57 14.87
C SER B 53 3.41 19.68 15.79
N ASP B 54 4.69 20.00 15.79
CA ASP B 54 5.17 21.09 16.67
C ASP B 54 5.00 22.46 16.05
N GLY B 55 4.52 22.57 14.80
CA GLY B 55 4.23 23.85 14.21
C GLY B 55 5.39 24.47 13.44
N SER B 56 6.59 23.92 13.55
CA SER B 56 7.76 24.53 12.94
C SER B 56 7.91 24.29 11.45
N ILE B 57 7.41 23.17 10.93
CA ILE B 57 7.53 22.85 9.52
C ILE B 57 6.17 23.10 8.87
N THR B 58 6.14 23.97 7.88
CA THR B 58 4.94 24.32 7.15
C THR B 58 5.20 24.27 5.67
N THR B 59 4.21 23.78 4.94
CA THR B 59 4.29 23.74 3.50
C THR B 59 3.00 24.27 2.90
N TYR B 60 3.08 24.78 1.69
CA TYR B 60 1.99 25.49 1.03
C TYR B 60 1.93 25.17 -0.44
N ALA B 61 0.71 25.13 -0.95
CA ALA B 61 0.50 25.08 -2.39
C ALA B 61 0.98 26.37 -3.03
N ASP B 62 1.52 26.25 -4.24
CA ASP B 62 1.96 27.46 -4.93
C ASP B 62 0.83 28.48 -5.11
N SER B 63 -0.41 28.00 -5.33
CA SER B 63 -1.59 28.86 -5.52
C SER B 63 -1.92 29.79 -4.36
N VAL B 64 -1.40 29.49 -3.16
CA VAL B 64 -1.66 30.28 -1.94
C VAL B 64 -0.41 30.86 -1.25
N LYS B 65 0.78 30.53 -1.75
CA LYS B 65 2.03 30.99 -1.15
C LYS B 65 2.06 32.52 -1.07
N GLY B 66 2.43 33.01 0.11
CA GLY B 66 2.53 34.45 0.38
C GLY B 66 1.23 35.12 0.75
N ARG B 67 0.10 34.42 0.63
CA ARG B 67 -1.23 34.93 0.96
C ARG B 67 -1.86 34.25 2.17
N PHE B 68 -1.67 32.92 2.29
CA PHE B 68 -2.24 32.17 3.40
C PHE B 68 -1.13 31.74 4.33
N THR B 69 -1.47 31.65 5.61
CA THR B 69 -0.54 31.17 6.64
C THR B 69 -1.23 30.15 7.53
N ILE B 70 -0.64 28.96 7.64
CA ILE B 70 -1.12 27.90 8.52
C ILE B 70 -0.45 28.08 9.88
N SER B 71 -1.16 27.78 10.94
CA SER B 71 -0.60 27.76 12.30
C SER B 71 -1.46 26.88 13.19
N ARG B 72 -1.02 26.66 14.40
CA ARG B 72 -1.70 25.81 15.32
C ARG B 72 -1.43 26.25 16.74
N ASP B 73 -2.38 25.94 17.62
CA ASP B 73 -2.20 26.11 19.04
C ASP B 73 -2.45 24.77 19.68
N ASN B 74 -1.36 24.08 20.00
CA ASN B 74 -1.45 22.73 20.54
C ASN B 74 -2.17 22.65 21.88
N ALA B 75 -1.92 23.65 22.72
CA ALA B 75 -2.61 23.74 24.03
C ALA B 75 -4.12 23.85 23.93
N ARG B 76 -4.61 24.46 22.85
CA ARG B 76 -6.05 24.66 22.62
C ARG B 76 -6.63 23.72 21.59
N ASN B 77 -5.87 22.72 21.11
CA ASN B 77 -6.36 21.71 20.17
C ASN B 77 -7.00 22.39 18.94
N THR B 78 -6.35 23.43 18.41
CA THR B 78 -6.89 24.25 17.34
C THR B 78 -5.85 24.44 16.22
N LEU B 79 -6.33 24.25 15.00
CA LEU B 79 -5.60 24.53 13.77
C LEU B 79 -6.17 25.81 13.15
N TYR B 80 -5.33 26.65 12.55
CA TYR B 80 -5.77 27.88 11.92
C TYR B 80 -5.30 28.00 10.48
N LEU B 81 -6.03 28.82 9.71
CA LEU B 81 -5.57 29.25 8.39
C LEU B 81 -5.89 30.73 8.22
N GLN B 82 -4.88 31.57 8.27
CA GLN B 82 -5.06 32.99 7.98
C GLN B 82 -5.03 33.18 6.49
N MET B 83 -6.07 33.80 5.93
CA MET B 83 -6.25 33.92 4.50
C MET B 83 -6.29 35.40 4.19
N ASN B 84 -5.31 35.91 3.45
CA ASN B 84 -5.27 37.31 3.04
C ASN B 84 -5.33 37.39 1.52
N SER B 85 -5.55 38.60 1.02
CA SER B 85 -5.55 38.84 -0.42
C SER B 85 -6.39 37.83 -1.20
N LEU B 86 -7.61 37.62 -0.71
CA LEU B 86 -8.49 36.60 -1.25
C LEU B 86 -8.95 36.96 -2.66
N LYS B 87 -9.07 35.94 -3.50
CA LYS B 87 -9.44 36.07 -4.91
C LYS B 87 -10.70 35.21 -5.15
N PRO B 88 -11.51 35.55 -6.17
CA PRO B 88 -12.64 34.68 -6.57
C PRO B 88 -12.32 33.15 -6.72
N GLU B 89 -11.15 32.86 -7.29
N GLU B 89 -11.16 32.89 -7.30
CA GLU B 89 -10.71 31.49 -7.46
CA GLU B 89 -10.63 31.56 -7.47
C GLU B 89 -10.32 30.77 -6.16
C GLU B 89 -10.35 30.77 -6.18
N ASP B 90 -10.30 31.46 -5.03
CA ASP B 90 -10.19 30.81 -3.71
C ASP B 90 -11.51 30.29 -3.18
N THR B 91 -12.64 30.58 -3.83
CA THR B 91 -13.93 30.10 -3.39
C THR B 91 -13.95 28.55 -3.37
N ALA B 92 -14.34 27.99 -2.24
CA ALA B 92 -14.33 26.54 -2.01
C ALA B 92 -14.79 26.24 -0.62
N VAL B 93 -15.12 24.98 -0.36
CA VAL B 93 -15.19 24.48 1.01
C VAL B 93 -13.76 24.15 1.45
N TYR B 94 -13.36 24.65 2.61
CA TYR B 94 -12.07 24.41 3.20
C TYR B 94 -12.26 23.44 4.33
N TYR B 95 -11.46 22.37 4.34
CA TYR B 95 -11.56 21.38 5.40
C TYR B 95 -10.22 20.91 5.87
N CYS B 96 -10.19 20.48 7.13
N CYS B 96 -10.21 20.32 7.06
CA CYS B 96 -9.01 19.96 7.79
CA CYS B 96 -9.02 19.75 7.63
C CYS B 96 -9.02 18.46 7.70
C CYS B 96 -8.98 18.28 7.47
N THR B 97 -7.85 17.87 7.53
N THR B 97 -7.78 17.74 7.31
CA THR B 97 -7.72 16.43 7.48
CA THR B 97 -7.60 16.32 7.27
C THR B 97 -6.47 15.95 8.21
C THR B 97 -6.43 15.92 8.16
N SER B 98 -6.59 14.77 8.80
CA SER B 98 -5.50 14.14 9.54
C SER B 98 -5.79 12.65 9.65
N ALA B 99 -4.80 11.86 9.27
CA ALA B 99 -4.84 10.39 9.41
C ALA B 99 -6.05 9.74 8.73
N GLY B 100 -6.40 10.25 7.56
CA GLY B 100 -7.52 9.76 6.78
C GLY B 100 -8.89 10.22 7.17
N ARG B 101 -9.00 11.06 8.21
CA ARG B 101 -10.26 11.65 8.66
C ARG B 101 -10.30 13.10 8.24
N ARG B 102 -11.50 13.63 8.07
CA ARG B 102 -11.70 15.00 7.72
C ARG B 102 -12.87 15.62 8.44
N GLY B 103 -12.85 16.93 8.58
CA GLY B 103 -14.01 17.65 9.07
C GLY B 103 -14.99 17.95 7.96
N PRO B 104 -16.19 18.43 8.33
CA PRO B 104 -17.18 18.76 7.30
C PRO B 104 -16.89 19.99 6.49
N GLY B 105 -16.02 20.89 6.99
CA GLY B 105 -15.55 22.01 6.23
C GLY B 105 -16.29 23.30 6.51
N THR B 106 -15.72 24.39 6.05
CA THR B 106 -16.28 25.71 6.16
C THR B 106 -16.24 26.39 4.78
N GLN B 107 -17.34 27.03 4.37
CA GLN B 107 -17.42 27.62 3.07
C GLN B 107 -16.73 28.97 3.03
N VAL B 108 -15.91 29.17 2.01
CA VAL B 108 -15.30 30.46 1.71
C VAL B 108 -15.82 30.86 0.35
N THR B 109 -16.40 32.07 0.26
CA THR B 109 -16.90 32.62 -1.00
C THR B 109 -16.33 34.01 -1.17
N VAL B 110 -15.67 34.23 -2.31
CA VAL B 110 -15.02 35.50 -2.63
C VAL B 110 -15.72 36.05 -3.87
N SER B 111 -16.35 37.22 -3.75
CA SER B 111 -17.18 37.77 -4.83
C SER B 111 -17.46 39.25 -4.65
N SER B 112 -17.67 39.96 -5.76
CA SER B 112 -18.13 41.37 -5.75
C SER B 112 -19.65 41.48 -5.67
C1 66F C . 7.79 -7.60 6.61
C2 66F C . 6.50 -7.06 7.20
C3 66F C . 6.69 -5.59 7.64
C4 66F C . 5.99 -7.84 8.41
S5 66F C . 5.67 -9.56 8.00
N6 66F C . 4.86 -9.42 6.51
C7 66F C . 4.66 -8.18 5.90
N8 66F C . 5.39 -7.07 6.25
N9 66F C . 3.79 -8.00 4.93
C10 66F C . 4.37 -10.66 5.90
O11 66F C . 6.84 -10.28 7.70
O12 66F C . 4.69 -10.07 8.90
C13 66F C . 7.89 -7.97 5.29
C14 66F C . 9.07 -8.45 4.72
C15 66F C . 10.24 -8.53 5.55
C16 66F C . 10.15 -8.14 6.85
C17 66F C . 8.97 -7.70 7.39
F18 66F C . 8.97 -7.35 8.67
N19 66F C . 9.02 -8.83 3.38
C20 66F C . 10.21 -10.62 -0.88
C21 66F C . 8.93 -10.32 -1.33
C22 66F C . 8.07 -9.66 -0.47
N23 66F C . 8.43 -9.35 0.75
C24 66F C . 9.66 -9.62 1.22
C25 66F C . 10.56 -10.29 0.39
C26 66F C . 10.01 -9.26 2.59
O27 66F C . 11.16 -9.35 2.96
F28 66F C . 8.51 -10.64 -2.54
CL CL D . 0.21 12.24 12.46
C1 EDO E . 8.35 -13.68 3.65
O1 EDO E . 7.03 -13.99 3.18
C2 EDO E . 8.39 -12.18 3.82
O2 EDO E . 7.46 -11.77 4.83
NA NA F . 20.21 15.03 5.22
C1 EDO G . -16.30 19.35 0.27
O1 EDO G . -16.62 19.30 1.64
C2 EDO G . -17.02 18.24 -0.47
O2 EDO G . -16.48 16.97 -0.02
C1 EDO H . -14.77 14.62 11.63
O1 EDO H . -15.52 14.87 12.83
C2 EDO H . -13.71 13.53 11.83
O2 EDO H . -14.26 12.20 11.82
NA NA I . -2.34 13.37 11.36
#